data_5Z7P
#
_entry.id   5Z7P
#
_cell.length_a   131.86
_cell.length_b   199.8
_cell.length_c   59.6
_cell.angle_alpha   90.0
_cell.angle_beta   90.0
_cell.angle_gamma   90.0
#
_symmetry.space_group_name_H-M   'C 2 2 21'
#
loop_
_entity.id
_entity.type
_entity.pdbx_description
1 polymer 'Chitinase A'
2 branched 2-acetamido-2-deoxy-beta-D-glucopyranose-(1-4)-2-acetamido-2-deoxy-beta-D-glucopyranose-(1-4)-2-acetamido-2-deoxy-beta-D-glucopyranose
3 non-polymer GLYCEROL
4 water water
#
_entity_poly.entity_id   1
_entity_poly.type   'polypeptide(L)'
_entity_poly.pdbx_seq_one_letter_code
;AAPGKPTIAWGNTKFAIVEVDQAATAYNNLVKVKNAADVSVSWNLWNGDTGTTAKVLLNGKEAWSGPSTGSSGTANFKVN
KGGRYQMQVALCNADGCTASDATEIVVADTDGSHLAPLKEPLLEKNKPYKQNSGKVVGSYFVEWGVYGRNFTVDKIPAQN
LTHLLYGFIPICGGNGINDSLKEIEGSFQALQRSCQGREDFKVSIHDPFAALQKAQKGVTAWDDPYKGNFGQLMALKQAH
PDLKILPSIGGWTLSDPFFFMGDKVKRDRFVGSVKEFLQTWKFFDGVDIAWEFPGGKGANPNLGSPQDGETYVLLMKELR
AMLDQLSVETGRKYELTSAISAGKDMIDKVAYNVAQNSMDHIFLMSYDFYGAADLKNLGHQTALNAPAWKPDTAYTTVNG
VNALLAQGVKPGKIVVGTAMYGRGWTGVNGYQNNIPFTGTATGPVKGTWENGIVDYRQIAGQFMSGEWQYTYDATAEAPY
VFKPSTGDLITFDDARSVQAKGKYVLDKQLGGLFSAMIDADNGDILNSMNASLGNSAGVQHHHHHH
;
_entity_poly.pdbx_strand_id   A
#
loop_
_chem_comp.id
_chem_comp.type
_chem_comp.name
_chem_comp.formula
GOL non-polymer GLYCEROL 'C3 H8 O3'
NAG D-saccharide, beta linking 2-acetamido-2-deoxy-beta-D-glucopyranose 'C8 H15 N O6'
#
# COMPACT_ATOMS: atom_id res chain seq x y z
N ALA A 1 55.55 2.82 -23.77
CA ALA A 1 54.19 2.60 -24.33
C ALA A 1 53.17 2.57 -23.20
N ALA A 2 51.92 2.90 -23.51
CA ALA A 2 50.86 2.81 -22.50
C ALA A 2 50.66 1.36 -22.07
N PRO A 3 49.99 1.13 -20.94
CA PRO A 3 49.85 -0.25 -20.44
C PRO A 3 49.01 -1.14 -21.35
N GLY A 4 49.13 -2.46 -21.14
CA GLY A 4 48.19 -3.37 -21.80
C GLY A 4 46.75 -3.12 -21.36
N LYS A 5 45.82 -3.63 -22.15
CA LYS A 5 44.40 -3.48 -21.87
C LYS A 5 43.94 -4.55 -20.88
N PRO A 6 43.49 -4.18 -19.68
CA PRO A 6 43.13 -5.20 -18.69
C PRO A 6 41.79 -5.85 -19.05
N THR A 7 41.62 -7.07 -18.57
CA THR A 7 40.39 -7.85 -18.68
C THR A 7 39.73 -7.90 -17.31
N ILE A 8 38.49 -7.42 -17.21
CA ILE A 8 37.77 -7.50 -15.92
C ILE A 8 37.52 -8.97 -15.59
N ALA A 9 37.80 -9.34 -14.34
CA ALA A 9 37.60 -10.71 -13.90
C ALA A 9 36.11 -11.02 -13.78
N TRP A 10 35.75 -12.25 -14.16
CA TRP A 10 34.42 -12.74 -13.83
C TRP A 10 34.19 -12.63 -12.34
N GLY A 11 33.00 -12.17 -11.97
CA GLY A 11 32.72 -12.06 -10.54
C GLY A 11 31.35 -11.45 -10.33
N ASN A 12 30.94 -11.35 -9.06
CA ASN A 12 29.60 -10.78 -8.76
C ASN A 12 29.58 -9.32 -9.21
N THR A 13 28.53 -8.91 -9.91
CA THR A 13 28.33 -7.50 -10.27
C THR A 13 27.08 -6.86 -9.67
N LYS A 14 26.45 -7.52 -8.71
N LYS A 14 26.44 -7.53 -8.72
CA LYS A 14 25.19 -7.05 -8.14
CA LYS A 14 25.20 -7.05 -8.13
C LYS A 14 25.41 -6.73 -6.68
C LYS A 14 25.44 -6.71 -6.67
N PHE A 15 25.19 -5.47 -6.31
CA PHE A 15 25.49 -4.95 -4.98
C PHE A 15 24.29 -4.18 -4.47
N ALA A 16 24.25 -3.93 -3.15
CA ALA A 16 23.06 -3.30 -2.55
C ALA A 16 23.43 -2.32 -1.44
N ILE A 17 22.77 -1.15 -1.43
CA ILE A 17 22.98 -0.17 -0.36
C ILE A 17 22.23 -0.61 0.90
N VAL A 18 21.01 -1.11 0.74
CA VAL A 18 20.25 -1.73 1.84
C VAL A 18 20.34 -3.24 1.61
N GLU A 19 21.02 -3.92 2.51
CA GLU A 19 21.29 -5.34 2.34
C GLU A 19 20.18 -6.13 2.99
N VAL A 20 19.85 -7.29 2.40
CA VAL A 20 18.79 -8.15 2.95
C VAL A 20 19.45 -9.46 3.34
N ASP A 21 19.26 -9.86 4.60
CA ASP A 21 19.83 -11.11 5.09
C ASP A 21 18.90 -12.23 4.67
N GLN A 22 19.41 -13.16 3.87
CA GLN A 22 18.55 -14.19 3.30
C GLN A 22 18.25 -15.32 4.26
N ALA A 23 18.85 -15.33 5.46
CA ALA A 23 18.59 -16.36 6.44
C ALA A 23 18.19 -15.69 7.76
N ALA A 24 17.11 -14.90 7.73
CA ALA A 24 16.66 -14.18 8.92
C ALA A 24 15.13 -14.06 8.91
N THR A 25 14.51 -14.27 10.07
CA THR A 25 13.07 -14.07 10.13
C THR A 25 12.69 -12.86 10.96
N ALA A 26 13.63 -12.31 11.74
CA ALA A 26 13.37 -11.13 12.57
C ALA A 26 13.66 -9.90 11.74
N TYR A 27 12.73 -8.95 11.77
CA TYR A 27 12.90 -7.73 10.98
C TYR A 27 14.23 -7.02 11.32
N ASN A 28 14.62 -6.99 12.60
CA ASN A 28 15.91 -6.36 12.95
C ASN A 28 17.07 -6.96 12.16
N ASN A 29 17.04 -8.27 11.88
CA ASN A 29 18.16 -8.88 11.17
C ASN A 29 17.95 -8.90 9.67
N LEU A 30 16.69 -8.84 9.22
CA LEU A 30 16.37 -9.00 7.82
C LEU A 30 16.99 -7.91 6.95
N VAL A 31 17.01 -6.68 7.44
CA VAL A 31 17.39 -5.56 6.60
C VAL A 31 18.52 -4.79 7.27
N LYS A 32 19.55 -4.44 6.50
CA LYS A 32 20.67 -3.65 7.04
C LYS A 32 20.90 -2.47 6.13
N VAL A 33 20.59 -1.26 6.61
CA VAL A 33 20.77 -0.04 5.84
C VAL A 33 22.21 0.42 5.97
N LYS A 34 22.90 0.57 4.87
CA LYS A 34 24.26 1.07 4.88
C LYS A 34 24.25 2.45 4.25
N ASN A 35 25.32 3.22 4.51
CA ASN A 35 25.45 4.50 3.80
C ASN A 35 25.84 4.30 2.36
N ALA A 36 26.37 3.14 2.02
CA ALA A 36 26.84 2.90 0.66
C ALA A 36 27.01 1.39 0.49
N ALA A 37 26.96 0.97 -0.77
CA ALA A 37 27.16 -0.43 -1.11
C ALA A 37 28.64 -0.72 -1.15
N ASP A 38 29.06 -1.89 -0.65
CA ASP A 38 30.45 -2.32 -0.76
C ASP A 38 30.61 -3.01 -2.11
N VAL A 39 31.45 -2.47 -2.97
CA VAL A 39 31.59 -2.98 -4.33
C VAL A 39 33.01 -3.54 -4.47
N SER A 40 33.18 -4.61 -5.23
CA SER A 40 34.51 -5.19 -5.47
C SER A 40 34.63 -5.50 -6.95
N VAL A 41 35.83 -5.30 -7.53
CA VAL A 41 36.12 -5.65 -8.91
C VAL A 41 37.54 -6.21 -8.92
N SER A 42 37.80 -7.21 -9.75
CA SER A 42 39.15 -7.71 -9.97
C SER A 42 39.45 -7.70 -11.47
N TRP A 43 40.74 -7.86 -11.82
CA TRP A 43 41.11 -7.80 -13.22
C TRP A 43 42.38 -8.62 -13.38
N ASN A 44 42.62 -9.02 -14.63
CA ASN A 44 43.85 -9.67 -15.07
C ASN A 44 44.35 -8.94 -16.29
N LEU A 45 45.66 -8.93 -16.47
CA LEU A 45 46.27 -8.41 -17.67
C LEU A 45 46.98 -9.56 -18.36
N TRP A 46 46.48 -9.93 -19.54
CA TRP A 46 46.98 -11.06 -20.31
C TRP A 46 48.11 -10.67 -21.27
N ASN A 47 48.23 -9.41 -21.67
N ASN A 47 48.19 -9.40 -21.68
CA ASN A 47 49.26 -9.01 -22.63
CA ASN A 47 49.21 -8.93 -22.59
C ASN A 47 49.73 -7.60 -22.35
C ASN A 47 49.70 -7.58 -22.14
N GLY A 48 51.01 -7.42 -22.03
CA GLY A 48 51.61 -6.11 -21.91
C GLY A 48 52.14 -5.76 -20.52
N ASP A 49 52.52 -4.50 -20.41
CA ASP A 49 52.95 -3.88 -19.18
C ASP A 49 51.73 -3.60 -18.32
N THR A 50 51.83 -3.86 -17.01
CA THR A 50 50.68 -3.68 -16.15
C THR A 50 50.50 -2.24 -15.73
N GLY A 51 51.33 -1.30 -16.23
CA GLY A 51 51.20 0.08 -15.79
C GLY A 51 51.67 0.32 -14.34
N THR A 52 51.54 1.57 -13.88
CA THR A 52 51.92 1.82 -12.50
C THR A 52 50.76 2.24 -11.61
N THR A 53 49.62 2.66 -12.17
CA THR A 53 48.43 2.96 -11.39
C THR A 53 47.24 2.23 -12.01
N ALA A 54 46.42 1.61 -11.16
CA ALA A 54 45.17 0.98 -11.58
C ALA A 54 44.01 1.81 -11.04
N LYS A 55 42.98 1.96 -11.83
CA LYS A 55 41.81 2.73 -11.42
C LYS A 55 40.57 1.94 -11.76
N VAL A 56 39.50 2.12 -10.96
CA VAL A 56 38.18 1.66 -11.32
C VAL A 56 37.34 2.89 -11.64
N LEU A 57 36.78 2.93 -12.84
CA LEU A 57 35.93 4.01 -13.29
C LEU A 57 34.47 3.53 -13.31
N LEU A 58 33.55 4.41 -12.91
CA LEU A 58 32.11 4.19 -13.09
C LEU A 58 31.59 5.32 -13.97
N ASN A 59 31.12 4.97 -15.17
CA ASN A 59 30.73 5.99 -16.15
C ASN A 59 31.85 7.01 -16.34
N GLY A 60 33.11 6.54 -16.41
CA GLY A 60 34.26 7.41 -16.64
C GLY A 60 34.83 8.06 -15.40
N LYS A 61 34.14 8.02 -14.28
CA LYS A 61 34.59 8.71 -13.10
C LYS A 61 35.25 7.75 -12.12
N GLU A 62 36.42 8.15 -11.64
CA GLU A 62 37.20 7.27 -10.78
C GLU A 62 36.49 7.01 -9.46
N ALA A 63 36.31 5.74 -9.12
CA ALA A 63 35.81 5.32 -7.83
C ALA A 63 36.90 4.75 -6.93
N TRP A 64 38.07 4.42 -7.50
CA TRP A 64 39.14 3.79 -6.73
C TRP A 64 40.41 3.93 -7.55
N SER A 65 41.55 4.06 -6.88
CA SER A 65 42.83 4.16 -7.56
C SER A 65 43.85 3.57 -6.61
N GLY A 66 44.85 2.87 -7.15
CA GLY A 66 45.90 2.30 -6.32
C GLY A 66 47.07 1.93 -7.21
N PRO A 67 48.17 1.54 -6.60
CA PRO A 67 49.35 1.13 -7.39
C PRO A 67 49.07 -0.17 -8.15
N SER A 68 49.55 -0.25 -9.40
CA SER A 68 49.38 -1.48 -10.18
C SER A 68 50.60 -2.33 -9.93
N THR A 69 50.44 -3.42 -9.18
CA THR A 69 51.62 -4.14 -8.68
C THR A 69 51.82 -5.52 -9.28
N GLY A 70 50.96 -5.97 -10.18
CA GLY A 70 51.16 -7.28 -10.78
C GLY A 70 50.12 -7.49 -11.86
N SER A 71 50.10 -8.70 -12.41
CA SER A 71 49.25 -8.99 -13.55
C SER A 71 47.79 -9.15 -13.16
N SER A 72 47.47 -9.25 -11.88
CA SER A 72 46.09 -9.29 -11.40
C SER A 72 45.95 -8.29 -10.25
N GLY A 73 44.72 -7.82 -10.01
CA GLY A 73 44.49 -6.90 -8.91
C GLY A 73 43.05 -6.98 -8.47
N THR A 74 42.79 -6.43 -7.29
CA THR A 74 41.44 -6.36 -6.73
C THR A 74 41.27 -4.98 -6.10
N ALA A 75 40.07 -4.40 -6.27
CA ALA A 75 39.70 -3.10 -5.68
C ALA A 75 38.39 -3.23 -4.90
N ASN A 76 38.33 -2.68 -3.69
CA ASN A 76 37.13 -2.63 -2.87
C ASN A 76 36.83 -1.17 -2.60
N PHE A 77 35.60 -0.73 -2.89
CA PHE A 77 35.26 0.67 -2.70
C PHE A 77 33.76 0.77 -2.45
N LYS A 78 33.30 1.97 -2.14
CA LYS A 78 31.90 2.16 -1.76
C LYS A 78 31.20 2.95 -2.84
N VAL A 79 29.92 2.64 -3.10
CA VAL A 79 29.13 3.39 -4.06
C VAL A 79 27.85 3.83 -3.35
N ASN A 80 27.57 5.14 -3.31
CA ASN A 80 26.52 5.59 -2.40
C ASN A 80 25.25 6.00 -3.12
N LYS A 81 25.14 5.74 -4.42
CA LYS A 81 23.93 6.04 -5.17
C LYS A 81 23.48 4.82 -5.95
N GLY A 82 22.20 4.44 -5.83
CA GLY A 82 21.70 3.30 -6.58
C GLY A 82 21.60 3.54 -8.07
N GLY A 83 21.71 2.48 -8.84
CA GLY A 83 21.55 2.56 -10.27
C GLY A 83 22.42 1.52 -10.96
N ARG A 84 22.54 1.67 -12.27
CA ARG A 84 23.37 0.79 -13.08
C ARG A 84 24.52 1.63 -13.65
N TYR A 85 25.74 1.09 -13.59
CA TYR A 85 26.95 1.81 -13.98
C TYR A 85 27.77 1.02 -14.99
N GLN A 86 28.37 1.72 -15.95
CA GLN A 86 29.33 1.11 -16.86
C GLN A 86 30.67 1.15 -16.14
N MET A 87 31.13 0.02 -15.64
CA MET A 87 32.36 -0.01 -14.86
C MET A 87 33.51 -0.40 -15.78
N GLN A 88 34.66 0.26 -15.60
CA GLN A 88 35.88 -0.09 -16.35
C GLN A 88 37.05 -0.12 -15.37
N VAL A 89 38.07 -0.91 -15.72
CA VAL A 89 39.36 -0.85 -15.05
C VAL A 89 40.31 -0.22 -16.06
N ALA A 90 41.08 0.79 -15.64
CA ALA A 90 42.09 1.40 -16.48
C ALA A 90 43.45 1.20 -15.83
N LEU A 91 44.45 0.89 -16.65
CA LEU A 91 45.83 0.84 -16.17
C LEU A 91 46.54 2.02 -16.79
N CYS A 92 47.28 2.77 -15.97
CA CYS A 92 47.90 4.00 -16.43
C CYS A 92 49.40 3.95 -16.15
N ASN A 93 50.17 4.59 -17.03
CA ASN A 93 51.57 4.93 -16.72
C ASN A 93 51.84 6.28 -17.37
N ALA A 94 53.09 6.73 -17.34
CA ALA A 94 53.36 8.10 -17.84
C ALA A 94 53.05 8.25 -19.33
N ASP A 95 53.03 7.15 -20.08
CA ASP A 95 52.74 7.15 -21.51
C ASP A 95 51.25 7.05 -21.86
N GLY A 96 50.36 6.87 -20.90
CA GLY A 96 48.94 6.85 -21.22
C GLY A 96 48.18 5.88 -20.33
N CYS A 97 46.85 5.91 -20.50
CA CYS A 97 45.90 5.07 -19.76
C CYS A 97 45.21 4.16 -20.76
N THR A 98 45.03 2.91 -20.40
CA THR A 98 44.37 1.92 -21.25
C THR A 98 43.21 1.32 -20.45
N ALA A 99 42.00 1.50 -20.93
CA ALA A 99 40.79 1.11 -20.22
C ALA A 99 40.24 -0.20 -20.76
N SER A 100 39.75 -1.03 -19.86
CA SER A 100 39.10 -2.27 -20.24
C SER A 100 37.81 -1.98 -21.01
N ASP A 101 37.23 -3.02 -21.59
CA ASP A 101 35.83 -2.90 -21.98
C ASP A 101 34.99 -2.69 -20.73
N ALA A 102 33.80 -2.14 -20.90
CA ALA A 102 32.91 -1.88 -19.78
C ALA A 102 32.14 -3.14 -19.36
N THR A 103 31.96 -3.29 -18.06
CA THR A 103 31.09 -4.28 -17.44
C THR A 103 30.03 -3.54 -16.64
N GLU A 104 28.75 -3.83 -16.86
CA GLU A 104 27.71 -3.17 -16.05
C GLU A 104 27.71 -3.73 -14.63
N ILE A 105 27.64 -2.85 -13.65
CA ILE A 105 27.40 -3.28 -12.28
C ILE A 105 26.09 -2.65 -11.86
N VAL A 106 25.44 -3.29 -10.90
CA VAL A 106 24.12 -2.91 -10.43
C VAL A 106 24.26 -2.58 -8.96
N VAL A 107 23.87 -1.38 -8.57
CA VAL A 107 23.93 -1.01 -7.16
C VAL A 107 22.47 -0.79 -6.73
N ALA A 108 21.96 -1.71 -5.90
CA ALA A 108 20.53 -1.66 -5.58
C ALA A 108 20.25 -0.68 -4.46
N ASP A 109 19.07 -0.04 -4.51
CA ASP A 109 18.60 0.75 -3.39
C ASP A 109 17.07 0.69 -3.40
N THR A 110 16.46 1.09 -2.27
CA THR A 110 15.03 0.84 -2.09
C THR A 110 14.16 1.91 -2.71
N ASP A 111 14.75 2.83 -3.48
CA ASP A 111 13.94 3.60 -4.41
C ASP A 111 13.69 2.86 -5.71
N GLY A 112 14.26 1.66 -5.91
CA GLY A 112 14.08 0.95 -7.17
C GLY A 112 14.94 1.49 -8.29
N SER A 113 15.95 2.30 -7.99
CA SER A 113 16.78 2.90 -9.05
C SER A 113 17.57 1.87 -9.84
N HIS A 114 17.77 0.67 -9.31
CA HIS A 114 18.40 -0.43 -10.02
C HIS A 114 17.44 -1.25 -10.90
N LEU A 115 16.12 -0.99 -10.85
CA LEU A 115 15.14 -1.88 -11.46
C LEU A 115 14.60 -1.34 -12.77
N ALA A 116 14.39 -2.23 -13.73
CA ALA A 116 13.59 -1.91 -14.91
C ALA A 116 12.18 -1.57 -14.46
N PRO A 117 11.53 -0.63 -15.15
CA PRO A 117 10.14 -0.27 -14.79
C PRO A 117 9.19 -1.44 -14.94
N LEU A 118 8.29 -1.58 -13.96
CA LEU A 118 7.27 -2.63 -14.03
C LEU A 118 6.06 -2.00 -14.70
N LYS A 119 5.95 -2.22 -16.01
CA LYS A 119 4.94 -1.54 -16.84
C LYS A 119 4.15 -2.65 -17.50
N GLU A 120 3.11 -3.13 -16.82
CA GLU A 120 2.42 -4.30 -17.26
C GLU A 120 1.10 -3.93 -17.92
N PRO A 121 0.67 -4.72 -18.90
CA PRO A 121 -0.64 -4.47 -19.51
C PRO A 121 -1.79 -4.55 -18.52
N LEU A 122 -2.82 -3.75 -18.78
CA LEU A 122 -4.06 -3.85 -18.03
C LEU A 122 -4.70 -5.20 -18.28
N LEU A 123 -5.23 -5.80 -17.22
CA LEU A 123 -5.84 -7.10 -17.26
C LEU A 123 -7.34 -6.98 -17.06
N GLU A 124 -8.02 -8.10 -17.26
CA GLU A 124 -9.47 -8.26 -17.08
C GLU A 124 -10.18 -7.14 -17.84
N LYS A 125 -11.08 -6.40 -17.21
CA LYS A 125 -11.87 -5.37 -17.85
C LYS A 125 -11.30 -3.98 -17.65
N ASN A 126 -10.11 -3.87 -17.05
CA ASN A 126 -9.53 -2.56 -16.81
C ASN A 126 -9.26 -1.85 -18.12
N LYS A 127 -9.65 -0.57 -18.21
CA LYS A 127 -9.38 0.27 -19.38
C LYS A 127 -8.50 1.44 -18.98
N PRO A 128 -7.71 1.98 -19.90
CA PRO A 128 -6.75 3.02 -19.48
C PRO A 128 -7.39 4.38 -19.29
N TYR A 129 -6.98 5.06 -18.22
CA TYR A 129 -7.41 6.42 -17.93
C TYR A 129 -6.21 7.28 -17.64
N LYS A 130 -6.32 8.56 -17.98
CA LYS A 130 -5.31 9.54 -17.62
C LYS A 130 -5.71 10.16 -16.30
N GLN A 131 -4.74 10.42 -15.42
CA GLN A 131 -5.07 11.03 -14.14
C GLN A 131 -5.02 12.53 -14.31
N ASN A 132 -6.05 13.10 -14.94
CA ASN A 132 -6.04 14.53 -15.21
C ASN A 132 -7.21 15.26 -14.59
N SER A 133 -8.01 14.59 -13.76
CA SER A 133 -9.08 15.33 -13.09
C SER A 133 -8.57 16.16 -11.92
N GLY A 134 -7.36 15.91 -11.43
CA GLY A 134 -6.98 16.47 -10.15
C GLY A 134 -7.66 15.85 -8.94
N LYS A 135 -8.36 14.73 -9.09
CA LYS A 135 -8.99 14.09 -7.94
C LYS A 135 -8.20 12.85 -7.53
N VAL A 136 -8.31 12.50 -6.25
CA VAL A 136 -7.73 11.24 -5.76
C VAL A 136 -8.47 10.07 -6.38
N VAL A 137 -7.73 9.07 -6.82
CA VAL A 137 -8.27 7.78 -7.22
C VAL A 137 -7.37 6.77 -6.51
N GLY A 138 -7.84 6.21 -5.37
CA GLY A 138 -6.98 5.37 -4.53
C GLY A 138 -7.48 3.94 -4.40
N SER A 139 -6.58 3.03 -4.06
CA SER A 139 -7.03 1.68 -3.74
C SER A 139 -6.01 1.05 -2.80
N TYR A 140 -6.49 0.16 -1.92
CA TYR A 140 -5.62 -0.63 -1.03
C TYR A 140 -5.31 -1.98 -1.67
N PHE A 141 -4.05 -2.40 -1.57
CA PHE A 141 -3.55 -3.72 -1.94
C PHE A 141 -3.14 -4.43 -0.65
N VAL A 142 -3.59 -5.70 -0.45
CA VAL A 142 -3.33 -6.40 0.81
C VAL A 142 -2.13 -7.34 0.61
N GLU A 143 -1.23 -7.29 1.59
CA GLU A 143 0.04 -8.03 1.53
C GLU A 143 -0.20 -9.54 1.28
N TRP A 144 -1.24 -10.11 1.91
CA TRP A 144 -1.54 -11.55 1.83
C TRP A 144 -2.33 -11.92 0.58
N GLY A 145 -2.65 -10.94 -0.27
CA GLY A 145 -3.38 -11.24 -1.48
C GLY A 145 -2.59 -12.05 -2.50
N VAL A 146 -1.27 -12.18 -2.30
CA VAL A 146 -0.40 -12.94 -3.21
C VAL A 146 -0.51 -14.45 -3.02
N TYR A 147 -1.23 -14.91 -2.01
CA TYR A 147 -1.32 -16.34 -1.74
C TYR A 147 -2.54 -16.86 -2.48
N GLY A 148 -3.60 -17.18 -1.74
CA GLY A 148 -4.80 -17.78 -2.37
C GLY A 148 -5.40 -16.93 -3.47
N ARG A 149 -5.51 -15.61 -3.26
CA ARG A 149 -6.07 -14.70 -4.26
C ARG A 149 -5.17 -14.54 -5.47
N ASN A 150 -3.88 -14.91 -5.33
CA ASN A 150 -2.90 -14.83 -6.39
C ASN A 150 -2.84 -13.45 -7.04
N PHE A 151 -3.11 -12.40 -6.27
CA PHE A 151 -3.15 -11.05 -6.85
C PHE A 151 -1.88 -10.30 -6.42
N THR A 152 -0.97 -10.14 -7.35
CA THR A 152 0.37 -9.61 -7.12
C THR A 152 0.44 -8.19 -7.67
N VAL A 153 1.56 -7.51 -7.37
CA VAL A 153 1.69 -6.08 -7.70
C VAL A 153 1.69 -5.85 -9.20
N ASP A 154 2.15 -6.83 -9.99
CA ASP A 154 2.11 -6.69 -11.44
C ASP A 154 0.69 -6.73 -11.99
N LYS A 155 -0.30 -7.16 -11.19
CA LYS A 155 -1.69 -7.14 -11.59
C LYS A 155 -2.42 -5.86 -11.20
N ILE A 156 -1.78 -4.97 -10.46
CA ILE A 156 -2.43 -3.69 -10.16
C ILE A 156 -2.57 -2.86 -11.44
N PRO A 157 -3.77 -2.35 -11.76
CA PRO A 157 -3.93 -1.36 -12.88
C PRO A 157 -3.42 0.03 -12.49
N ALA A 158 -2.09 0.13 -12.35
CA ALA A 158 -1.47 1.24 -11.63
C ALA A 158 -1.64 2.58 -12.33
N GLN A 159 -1.68 2.62 -13.68
CA GLN A 159 -1.91 3.89 -14.37
C GLN A 159 -3.27 4.51 -14.02
N ASN A 160 -4.21 3.72 -13.50
CA ASN A 160 -5.57 4.17 -13.18
C ASN A 160 -5.73 4.60 -11.72
N LEU A 161 -4.64 4.85 -11.02
CA LEU A 161 -4.64 5.30 -9.64
C LEU A 161 -3.77 6.54 -9.48
N THR A 162 -4.15 7.39 -8.51
CA THR A 162 -3.21 8.38 -8.00
C THR A 162 -2.52 7.88 -6.73
N HIS A 163 -3.16 6.98 -5.98
CA HIS A 163 -2.68 6.55 -4.67
C HIS A 163 -2.84 5.04 -4.56
N LEU A 164 -1.77 4.37 -4.18
CA LEU A 164 -1.82 2.93 -3.93
C LEU A 164 -1.38 2.70 -2.50
N LEU A 165 -2.28 2.15 -1.69
CA LEU A 165 -2.03 1.98 -0.27
C LEU A 165 -1.73 0.51 -0.01
N TYR A 166 -0.70 0.25 0.76
CA TYR A 166 -0.22 -1.10 1.04
C TYR A 166 -0.71 -1.51 2.43
N GLY A 167 -1.64 -2.45 2.48
CA GLY A 167 -2.19 -2.94 3.76
C GLY A 167 -1.62 -4.30 4.13
N PHE A 168 -1.09 -4.45 5.35
CA PHE A 168 -0.92 -3.46 6.40
C PHE A 168 0.40 -3.69 7.09
N ILE A 169 0.97 -2.58 7.53
CA ILE A 169 2.20 -2.56 8.32
C ILE A 169 1.81 -2.72 9.79
N PRO A 170 2.36 -3.69 10.51
CA PRO A 170 2.02 -3.90 11.92
C PRO A 170 2.86 -3.03 12.84
N ILE A 171 2.43 -2.93 14.09
CA ILE A 171 3.18 -2.33 15.18
C ILE A 171 3.57 -3.45 16.16
N CYS A 172 4.86 -3.54 16.47
CA CYS A 172 5.33 -4.66 17.29
C CYS A 172 4.64 -4.68 18.66
N GLY A 173 4.35 -5.87 19.14
CA GLY A 173 3.83 -6.03 20.49
C GLY A 173 3.18 -7.39 20.68
N GLY A 174 3.40 -8.01 21.87
CA GLY A 174 2.86 -9.32 22.15
C GLY A 174 1.57 -9.24 22.96
N ASN A 175 1.50 -9.97 24.07
CA ASN A 175 0.23 -10.08 24.80
C ASN A 175 -0.28 -8.71 25.24
N GLY A 176 -1.57 -8.50 25.09
CA GLY A 176 -2.20 -7.26 25.45
C GLY A 176 -2.03 -6.14 24.42
N ILE A 177 -1.11 -6.29 23.47
CA ILE A 177 -0.83 -5.22 22.51
C ILE A 177 -1.37 -5.56 21.12
N ASN A 178 -1.30 -6.83 20.69
CA ASN A 178 -1.85 -7.28 19.40
C ASN A 178 -2.75 -8.49 19.57
N ASP A 179 -3.59 -8.50 20.61
CA ASP A 179 -4.42 -9.67 20.87
C ASP A 179 -5.42 -9.93 19.75
N SER A 180 -5.83 -8.89 19.02
CA SER A 180 -6.74 -9.12 17.90
C SER A 180 -6.13 -10.07 16.84
N LEU A 181 -4.80 -10.22 16.77
CA LEU A 181 -4.23 -11.16 15.80
C LEU A 181 -4.43 -12.62 16.21
N LYS A 182 -4.64 -12.88 17.50
CA LYS A 182 -4.81 -14.26 17.96
C LYS A 182 -6.03 -14.91 17.34
N GLU A 183 -6.97 -14.13 16.81
CA GLU A 183 -8.14 -14.71 16.17
C GLU A 183 -7.84 -15.36 14.81
N ILE A 184 -6.63 -15.18 14.28
CA ILE A 184 -6.23 -15.67 12.98
C ILE A 184 -5.09 -16.64 13.19
N GLU A 185 -5.30 -17.90 12.79
CA GLU A 185 -4.33 -18.96 13.07
C GLU A 185 -2.93 -18.58 12.61
N GLY A 186 -1.94 -18.69 13.52
CA GLY A 186 -0.54 -18.39 13.23
C GLY A 186 -0.18 -16.91 13.15
N SER A 187 -1.16 -16.01 13.13
CA SER A 187 -0.84 -14.63 12.78
C SER A 187 -0.16 -13.88 13.93
N PHE A 188 -0.66 -14.05 15.16
CA PHE A 188 0.03 -13.44 16.30
C PHE A 188 1.45 -13.94 16.40
N GLN A 189 1.66 -15.27 16.25
CA GLN A 189 3.00 -15.80 16.35
C GLN A 189 3.91 -15.26 15.24
N ALA A 190 3.39 -15.11 14.04
CA ALA A 190 4.20 -14.59 12.95
C ALA A 190 4.70 -13.18 13.29
N LEU A 191 3.84 -12.34 13.87
CA LEU A 191 4.30 -11.00 14.28
C LEU A 191 5.38 -11.10 15.36
N GLN A 192 5.20 -12.01 16.35
CA GLN A 192 6.21 -12.11 17.40
C GLN A 192 7.55 -12.51 16.83
N ARG A 193 7.53 -13.37 15.80
CA ARG A 193 8.78 -13.76 15.16
C ARG A 193 9.42 -12.59 14.43
N SER A 194 8.63 -11.85 13.66
CA SER A 194 9.16 -10.69 12.96
C SER A 194 9.73 -9.65 13.94
N CYS A 195 9.08 -9.46 15.09
CA CYS A 195 9.46 -8.46 16.08
C CYS A 195 10.44 -8.99 17.15
N GLN A 196 11.02 -10.17 16.96
CA GLN A 196 11.95 -10.67 17.96
C GLN A 196 13.12 -9.71 18.09
N GLY A 197 13.47 -9.36 19.33
CA GLY A 197 14.52 -8.39 19.59
C GLY A 197 14.14 -6.95 19.31
N ARG A 198 12.90 -6.67 18.93
CA ARG A 198 12.48 -5.33 18.50
C ARG A 198 11.53 -4.74 19.54
N GLU A 199 11.70 -3.46 19.87
CA GLU A 199 10.90 -2.91 20.96
C GLU A 199 9.44 -2.83 20.57
N ASP A 200 8.57 -3.08 21.53
CA ASP A 200 7.16 -2.86 21.31
C ASP A 200 6.90 -1.41 20.90
N PHE A 201 5.88 -1.24 20.06
CA PHE A 201 5.39 0.02 19.48
C PHE A 201 6.29 0.54 18.36
N LYS A 202 7.30 -0.22 17.90
CA LYS A 202 7.92 0.11 16.62
C LYS A 202 7.24 -0.68 15.48
N VAL A 203 7.26 -0.10 14.27
CA VAL A 203 6.66 -0.79 13.11
C VAL A 203 7.57 -1.92 12.68
N SER A 204 6.98 -2.88 11.97
CA SER A 204 7.74 -3.99 11.42
C SER A 204 7.07 -4.37 10.10
N ILE A 205 7.31 -5.61 9.65
CA ILE A 205 6.66 -6.18 8.47
C ILE A 205 6.01 -7.48 8.97
N HIS A 206 4.72 -7.63 8.69
CA HIS A 206 4.02 -8.79 9.24
C HIS A 206 4.46 -10.09 8.56
N ASP A 207 4.55 -10.08 7.22
CA ASP A 207 4.90 -11.26 6.44
C ASP A 207 6.10 -10.90 5.57
N PRO A 208 7.31 -11.05 6.09
CA PRO A 208 8.50 -10.67 5.31
C PRO A 208 8.68 -11.51 4.09
N PHE A 209 8.16 -12.74 4.09
CA PHE A 209 8.26 -13.52 2.88
C PHE A 209 7.47 -12.88 1.74
N ALA A 210 6.17 -12.61 1.96
CA ALA A 210 5.38 -11.95 0.94
C ALA A 210 5.95 -10.57 0.60
N ALA A 211 6.38 -9.81 1.60
CA ALA A 211 6.79 -8.41 1.37
C ALA A 211 8.11 -8.31 0.59
N LEU A 212 9.03 -9.26 0.83
CA LEU A 212 10.42 -9.07 0.37
C LEU A 212 11.06 -10.25 -0.33
N GLN A 213 10.60 -11.46 -0.10
CA GLN A 213 11.39 -12.60 -0.56
C GLN A 213 10.70 -13.50 -1.58
N LYS A 214 9.38 -13.42 -1.71
CA LYS A 214 8.68 -14.28 -2.66
C LYS A 214 9.06 -13.84 -4.06
N ALA A 215 9.47 -14.80 -4.92
CA ALA A 215 9.75 -14.45 -6.31
C ALA A 215 8.49 -13.91 -7.01
N GLN A 216 8.64 -12.79 -7.76
CA GLN A 216 7.53 -12.19 -8.49
C GLN A 216 8.07 -11.66 -9.79
N LYS A 217 7.14 -11.37 -10.71
CA LYS A 217 7.57 -10.89 -12.02
C LYS A 217 8.51 -9.68 -11.92
N GLY A 218 9.68 -9.80 -12.57
CA GLY A 218 10.65 -8.74 -12.57
C GLY A 218 11.67 -8.83 -11.46
N VAL A 219 11.42 -9.65 -10.43
CA VAL A 219 12.34 -9.78 -9.31
C VAL A 219 12.41 -11.28 -8.99
N THR A 220 12.90 -12.08 -9.93
CA THR A 220 13.01 -13.52 -9.74
C THR A 220 14.44 -14.02 -9.60
N ALA A 221 15.46 -13.24 -9.94
CA ALA A 221 16.83 -13.75 -9.84
C ALA A 221 17.23 -13.88 -8.40
N TRP A 222 17.98 -14.96 -8.07
CA TRP A 222 18.26 -15.25 -6.67
C TRP A 222 18.93 -14.10 -5.96
N ASP A 223 19.81 -13.37 -6.65
CA ASP A 223 20.53 -12.27 -6.03
C ASP A 223 19.87 -10.92 -6.30
N ASP A 224 18.62 -10.88 -6.78
CA ASP A 224 17.83 -9.61 -6.73
C ASP A 224 17.59 -9.33 -5.25
N PRO A 225 18.08 -8.24 -4.69
CA PRO A 225 18.00 -8.08 -3.23
C PRO A 225 16.59 -7.86 -2.70
N TYR A 226 15.71 -7.19 -3.46
CA TYR A 226 14.33 -6.91 -3.01
C TYR A 226 13.37 -7.64 -3.94
N LYS A 227 12.71 -8.68 -3.44
CA LYS A 227 11.68 -9.38 -4.20
C LYS A 227 10.32 -9.09 -3.55
N GLY A 228 9.37 -10.00 -3.75
CA GLY A 228 8.05 -9.87 -3.13
C GLY A 228 7.35 -8.57 -3.51
N ASN A 229 6.48 -8.15 -2.60
CA ASN A 229 5.64 -6.99 -2.90
C ASN A 229 6.49 -5.72 -2.96
N PHE A 230 7.45 -5.58 -2.04
CA PHE A 230 8.24 -4.35 -1.96
C PHE A 230 9.14 -4.21 -3.20
N GLY A 231 9.76 -5.31 -3.65
CA GLY A 231 10.56 -5.24 -4.89
C GLY A 231 9.71 -4.81 -6.08
N GLN A 232 8.52 -5.40 -6.23
CA GLN A 232 7.67 -4.99 -7.34
C GLN A 232 7.19 -3.55 -7.18
N LEU A 233 6.90 -3.12 -5.95
CA LEU A 233 6.43 -1.75 -5.79
C LEU A 233 7.52 -0.76 -6.17
N MET A 234 8.78 -1.11 -5.86
CA MET A 234 9.90 -0.25 -6.27
C MET A 234 9.94 -0.15 -7.78
N ALA A 235 9.77 -1.28 -8.47
CA ALA A 235 9.76 -1.25 -9.93
C ALA A 235 8.55 -0.50 -10.46
N LEU A 236 7.42 -0.60 -9.75
CA LEU A 236 6.22 0.14 -10.14
C LEU A 236 6.46 1.64 -10.05
N LYS A 237 7.17 2.08 -9.02
CA LYS A 237 7.52 3.47 -8.85
C LYS A 237 8.41 3.94 -9.99
N GLN A 238 9.30 3.09 -10.47
CA GLN A 238 10.07 3.45 -11.66
C GLN A 238 9.17 3.63 -12.88
N ALA A 239 8.13 2.82 -13.00
CA ALA A 239 7.21 2.96 -14.13
C ALA A 239 6.25 4.14 -13.96
N HIS A 240 5.92 4.51 -12.72
CA HIS A 240 4.94 5.55 -12.41
C HIS A 240 5.45 6.46 -11.32
N PRO A 241 6.36 7.39 -11.65
CA PRO A 241 7.00 8.18 -10.59
C PRO A 241 6.05 9.12 -9.87
N ASP A 242 4.91 9.42 -10.46
CA ASP A 242 3.88 10.26 -9.85
C ASP A 242 2.85 9.47 -9.04
N LEU A 243 2.87 8.14 -9.12
CA LEU A 243 2.00 7.35 -8.24
C LEU A 243 2.43 7.51 -6.79
N LYS A 244 1.49 7.78 -5.87
CA LYS A 244 1.85 7.86 -4.45
C LYS A 244 1.65 6.47 -3.88
N ILE A 245 2.71 5.87 -3.35
CA ILE A 245 2.60 4.55 -2.70
C ILE A 245 2.76 4.78 -1.19
N LEU A 246 1.68 4.49 -0.43
CA LEU A 246 1.68 4.78 0.98
C LEU A 246 1.58 3.47 1.76
N PRO A 247 2.44 3.25 2.76
CA PRO A 247 2.23 2.11 3.68
C PRO A 247 1.10 2.44 4.62
N SER A 248 0.18 1.49 4.81
CA SER A 248 -0.96 1.72 5.70
C SER A 248 -0.70 0.92 6.99
N ILE A 249 -0.67 1.61 8.11
CA ILE A 249 -0.40 1.01 9.43
C ILE A 249 -1.75 0.77 10.11
N GLY A 250 -2.01 -0.47 10.49
CA GLY A 250 -3.23 -0.76 11.23
C GLY A 250 -4.17 -1.64 10.44
N GLY A 251 -5.37 -1.13 10.13
CA GLY A 251 -6.41 -2.00 9.63
C GLY A 251 -7.13 -2.75 10.76
N TRP A 252 -8.03 -3.64 10.36
CA TRP A 252 -8.93 -4.31 11.31
C TRP A 252 -8.17 -5.03 12.43
N THR A 253 -7.13 -5.81 12.09
CA THR A 253 -6.50 -6.69 13.09
C THR A 253 -5.15 -6.20 13.62
N LEU A 254 -4.60 -5.12 13.07
CA LEU A 254 -3.33 -4.62 13.54
C LEU A 254 -3.49 -3.24 14.15
N SER A 255 -4.70 -2.88 14.57
CA SER A 255 -4.92 -1.56 15.18
C SER A 255 -4.75 -1.52 16.71
N ASP A 256 -4.70 -2.66 17.41
CA ASP A 256 -4.72 -2.57 18.87
C ASP A 256 -3.62 -1.67 19.46
N PRO A 257 -2.39 -1.62 18.93
CA PRO A 257 -1.37 -0.79 19.59
C PRO A 257 -1.68 0.67 19.61
N PHE A 258 -2.49 1.20 18.67
CA PHE A 258 -2.81 2.62 18.71
C PHE A 258 -3.45 3.03 20.04
N PHE A 259 -4.22 2.12 20.64
CA PHE A 259 -4.92 2.39 21.89
C PHE A 259 -4.00 2.61 23.08
N PHE A 260 -2.69 2.38 22.94
CA PHE A 260 -1.74 2.69 24.01
C PHE A 260 -1.01 4.00 23.80
N MET A 261 -1.25 4.69 22.68
CA MET A 261 -0.38 5.82 22.34
C MET A 261 -0.77 7.12 23.05
N GLY A 262 -1.74 7.08 23.95
CA GLY A 262 -1.86 8.17 24.94
C GLY A 262 -0.58 8.34 25.76
N ASP A 263 0.21 7.28 25.90
CA ASP A 263 1.55 7.35 26.51
C ASP A 263 2.50 7.94 25.48
N LYS A 264 2.92 9.22 25.65
CA LYS A 264 3.79 9.83 24.66
C LYS A 264 5.14 9.13 24.54
N VAL A 265 5.60 8.43 25.58
CA VAL A 265 6.80 7.61 25.40
C VAL A 265 6.58 6.61 24.26
N LYS A 266 5.44 5.90 24.26
CA LYS A 266 5.15 4.93 23.20
C LYS A 266 4.89 5.64 21.86
N ARG A 267 4.16 6.76 21.90
CA ARG A 267 3.84 7.46 20.65
C ARG A 267 5.11 7.98 19.98
N ASP A 268 6.03 8.58 20.77
CA ASP A 268 7.30 9.03 20.21
C ASP A 268 8.09 7.87 19.59
N ARG A 269 8.14 6.73 20.28
CA ARG A 269 8.88 5.59 19.72
C ARG A 269 8.27 5.15 18.38
N PHE A 270 6.94 5.16 18.32
CA PHE A 270 6.23 4.79 17.08
C PHE A 270 6.56 5.75 15.95
N VAL A 271 6.38 7.04 16.19
CA VAL A 271 6.68 8.03 15.14
C VAL A 271 8.11 7.91 14.69
N GLY A 272 9.05 7.73 15.61
CA GLY A 272 10.43 7.55 15.20
C GLY A 272 10.63 6.30 14.36
N SER A 273 9.95 5.21 14.70
CA SER A 273 10.08 4.03 13.85
C SER A 273 9.46 4.24 12.47
N VAL A 274 8.45 5.10 12.34
CA VAL A 274 7.88 5.35 11.01
C VAL A 274 8.90 6.12 10.18
N LYS A 275 9.56 7.10 10.79
CA LYS A 275 10.60 7.83 10.10
C LYS A 275 11.68 6.87 9.60
N GLU A 276 12.12 5.96 10.49
CA GLU A 276 13.14 5.01 10.11
C GLU A 276 12.65 4.10 8.98
N PHE A 277 11.38 3.67 9.04
CA PHE A 277 10.80 2.82 7.98
C PHE A 277 10.84 3.54 6.64
N LEU A 278 10.45 4.86 6.63
CA LEU A 278 10.48 5.61 5.37
C LEU A 278 11.91 5.90 4.87
N GLN A 279 12.87 6.06 5.77
CA GLN A 279 14.29 6.16 5.38
C GLN A 279 14.83 4.83 4.87
N THR A 280 14.26 3.73 5.33
CA THR A 280 14.72 2.41 4.89
C THR A 280 14.11 2.02 3.55
N TRP A 281 12.82 2.29 3.35
CA TRP A 281 12.05 1.87 2.19
C TRP A 281 11.68 3.14 1.44
N LYS A 282 12.58 3.57 0.54
CA LYS A 282 12.49 4.89 -0.05
C LYS A 282 11.40 5.01 -1.11
N PHE A 283 10.90 3.89 -1.65
CA PHE A 283 9.78 3.95 -2.59
C PHE A 283 8.46 4.42 -1.96
N PHE A 284 8.32 4.38 -0.64
CA PHE A 284 7.08 4.82 -0.01
C PHE A 284 7.05 6.36 0.08
N ASP A 285 5.87 6.95 -0.09
CA ASP A 285 5.68 8.40 -0.19
C ASP A 285 5.02 9.05 1.03
N GLY A 286 5.03 8.40 2.19
CA GLY A 286 4.30 8.97 3.32
C GLY A 286 3.80 7.85 4.20
N VAL A 287 2.68 8.10 4.89
CA VAL A 287 2.11 7.07 5.76
C VAL A 287 0.61 7.29 5.84
N ASP A 288 -0.10 6.18 5.81
CA ASP A 288 -1.54 6.11 6.05
C ASP A 288 -1.79 5.51 7.44
N ILE A 289 -2.62 6.16 8.24
CA ILE A 289 -2.94 5.66 9.56
C ILE A 289 -4.35 5.07 9.49
N ALA A 290 -4.45 3.74 9.55
CA ALA A 290 -5.75 3.06 9.50
C ALA A 290 -6.07 2.52 10.91
N TRP A 291 -6.21 3.44 11.85
CA TRP A 291 -6.53 3.08 13.23
C TRP A 291 -8.02 2.82 13.28
N GLU A 292 -8.38 1.55 13.49
CA GLU A 292 -9.76 1.11 13.52
C GLU A 292 -10.11 0.66 14.95
N PHE A 293 -10.68 1.56 15.77
CA PHE A 293 -10.98 2.96 15.55
C PHE A 293 -10.74 3.71 16.90
N PRO A 294 -10.43 5.00 16.86
CA PRO A 294 -10.40 5.79 18.11
C PRO A 294 -11.73 5.65 18.85
N GLY A 295 -11.66 5.29 20.14
CA GLY A 295 -12.84 4.99 20.93
C GLY A 295 -13.22 3.53 20.98
N GLY A 296 -12.59 2.68 20.16
CA GLY A 296 -12.90 1.26 20.19
C GLY A 296 -13.97 0.94 19.15
N LYS A 297 -14.65 -0.19 19.37
CA LYS A 297 -15.57 -0.79 18.40
C LYS A 297 -14.87 -1.25 17.14
N GLY A 298 -13.57 -1.55 17.21
CA GLY A 298 -12.88 -2.30 16.19
C GLY A 298 -12.91 -3.78 16.54
N ALA A 299 -11.84 -4.47 16.16
CA ALA A 299 -11.82 -5.91 16.37
C ALA A 299 -11.79 -6.26 17.86
N ASN A 300 -11.17 -5.41 18.70
CA ASN A 300 -10.95 -5.78 20.10
C ASN A 300 -12.04 -5.18 20.99
N PRO A 301 -12.93 -5.99 21.58
CA PRO A 301 -13.98 -5.44 22.44
C PRO A 301 -13.47 -4.92 23.76
N ASN A 302 -12.22 -5.20 24.12
CA ASN A 302 -11.70 -4.71 25.39
C ASN A 302 -10.78 -3.52 25.24
N LEU A 303 -10.79 -2.85 24.08
CA LEU A 303 -10.00 -1.63 23.90
C LEU A 303 -10.89 -0.48 23.48
N GLY A 304 -10.41 0.72 23.75
CA GLY A 304 -11.12 1.92 23.38
C GLY A 304 -11.29 2.81 24.57
N SER A 305 -10.95 4.08 24.44
CA SER A 305 -10.98 4.98 25.58
C SER A 305 -11.46 6.34 25.11
N PRO A 306 -12.14 7.11 25.98
CA PRO A 306 -12.50 8.48 25.59
C PRO A 306 -11.30 9.37 25.34
N GLN A 307 -10.10 8.97 25.78
CA GLN A 307 -8.88 9.73 25.47
C GLN A 307 -8.45 9.60 23.99
N ASP A 308 -9.01 8.63 23.26
CA ASP A 308 -8.45 8.27 21.95
C ASP A 308 -8.49 9.43 20.96
N GLY A 309 -9.56 10.26 20.98
CA GLY A 309 -9.63 11.36 20.02
C GLY A 309 -8.49 12.34 20.20
N GLU A 310 -8.18 12.65 21.45
CA GLU A 310 -7.03 13.52 21.72
C GLU A 310 -5.73 12.86 21.24
N THR A 311 -5.58 11.56 21.51
CA THR A 311 -4.38 10.84 21.06
C THR A 311 -4.25 10.91 19.53
N TYR A 312 -5.37 10.71 18.82
CA TYR A 312 -5.32 10.75 17.34
C TYR A 312 -4.83 12.10 16.82
N VAL A 313 -5.34 13.20 17.39
CA VAL A 313 -4.93 14.51 16.89
C VAL A 313 -3.45 14.73 17.15
N LEU A 314 -2.99 14.40 18.37
CA LEU A 314 -1.56 14.52 18.68
C LEU A 314 -0.72 13.68 17.71
N LEU A 315 -1.17 12.44 17.49
CA LEU A 315 -0.43 11.54 16.59
C LEU A 315 -0.32 12.14 15.19
N MET A 316 -1.43 12.67 14.65
CA MET A 316 -1.34 13.27 13.32
C MET A 316 -0.40 14.48 13.32
N LYS A 317 -0.45 15.33 14.36
N LYS A 317 -0.45 15.33 14.36
CA LYS A 317 0.45 16.49 14.41
CA LYS A 317 0.44 16.48 14.41
C LYS A 317 1.90 16.04 14.43
C LYS A 317 1.89 16.04 14.43
N GLU A 318 2.20 15.04 15.25
CA GLU A 318 3.58 14.62 15.40
C GLU A 318 4.07 13.88 14.15
N LEU A 319 3.20 13.05 13.51
CA LEU A 319 3.58 12.46 12.24
C LEU A 319 3.86 13.54 11.22
N ARG A 320 2.95 14.53 11.15
N ARG A 320 3.00 14.55 11.14
CA ARG A 320 3.16 15.61 10.18
CA ARG A 320 3.25 15.55 10.11
C ARG A 320 4.50 16.28 10.40
C ARG A 320 4.52 16.33 10.39
N ALA A 321 4.84 16.56 11.67
CA ALA A 321 6.12 17.21 11.97
C ALA A 321 7.30 16.32 11.56
N MET A 322 7.21 15.02 11.85
CA MET A 322 8.25 14.12 11.39
C MET A 322 8.35 14.13 9.86
N LEU A 323 7.22 14.09 9.16
CA LEU A 323 7.25 14.03 7.71
C LEU A 323 7.75 15.34 7.11
N ASP A 324 7.38 16.47 7.72
CA ASP A 324 7.88 17.76 7.22
C ASP A 324 9.38 17.81 7.31
N GLN A 325 9.94 17.27 8.39
CA GLN A 325 11.39 17.25 8.55
C GLN A 325 12.03 16.33 7.54
N LEU A 326 11.45 15.14 7.33
CA LEU A 326 11.94 14.24 6.30
C LEU A 326 11.84 14.87 4.89
N SER A 327 10.73 15.56 4.61
CA SER A 327 10.54 16.24 3.32
C SER A 327 11.68 17.22 3.05
N VAL A 328 12.02 18.08 4.03
CA VAL A 328 13.09 19.07 3.74
C VAL A 328 14.46 18.41 3.76
N GLU A 329 14.61 17.27 4.44
CA GLU A 329 15.89 16.58 4.36
C GLU A 329 16.04 15.96 3.01
N THR A 330 14.93 15.59 2.34
CA THR A 330 15.01 14.86 1.09
C THR A 330 14.68 15.69 -0.13
N GLY A 331 14.05 16.88 0.00
CA GLY A 331 13.48 17.51 -1.19
C GLY A 331 12.21 16.84 -1.69
N ARG A 332 11.73 15.81 -1.02
CA ARG A 332 10.51 15.13 -1.46
C ARG A 332 9.30 15.64 -0.73
N LYS A 333 8.15 15.50 -1.36
CA LYS A 333 6.90 15.75 -0.65
C LYS A 333 6.42 14.42 -0.05
N TYR A 334 6.01 14.43 1.21
CA TYR A 334 5.47 13.24 1.86
C TYR A 334 4.03 13.52 2.25
N GLU A 335 3.20 12.51 2.14
CA GLU A 335 1.79 12.64 2.47
C GLU A 335 1.44 11.93 3.77
N LEU A 336 0.49 12.50 4.49
CA LEU A 336 -0.08 11.86 5.67
C LEU A 336 -1.57 11.69 5.43
N THR A 337 -2.04 10.42 5.51
CA THR A 337 -3.45 10.14 5.29
C THR A 337 -3.96 9.26 6.41
N SER A 338 -5.29 9.10 6.44
CA SER A 338 -5.88 8.19 7.41
C SER A 338 -7.17 7.62 6.85
N ALA A 339 -7.41 6.34 7.12
CA ALA A 339 -8.68 5.69 6.82
C ALA A 339 -9.52 5.74 8.10
N ILE A 340 -10.78 6.22 8.00
CA ILE A 340 -11.56 6.53 9.21
C ILE A 340 -12.94 5.90 9.09
N SER A 341 -13.57 5.60 10.24
CA SER A 341 -14.98 5.21 10.24
C SER A 341 -15.83 6.33 9.62
N ALA A 342 -16.87 5.94 8.87
CA ALA A 342 -17.84 6.85 8.25
C ALA A 342 -19.14 7.00 9.08
N GLY A 343 -19.22 6.36 10.25
CA GLY A 343 -20.41 6.50 11.08
C GLY A 343 -20.33 7.81 11.87
N LYS A 344 -21.44 8.56 11.92
CA LYS A 344 -21.36 9.87 12.56
C LYS A 344 -20.93 9.76 14.02
N ASP A 345 -21.45 8.77 14.74
CA ASP A 345 -21.12 8.55 16.15
C ASP A 345 -19.62 8.35 16.33
N MET A 346 -18.99 7.62 15.40
CA MET A 346 -17.55 7.40 15.47
C MET A 346 -16.79 8.66 15.09
N ILE A 347 -17.24 9.34 14.04
CA ILE A 347 -16.58 10.55 13.55
C ILE A 347 -16.53 11.60 14.66
N ASP A 348 -17.58 11.64 15.47
CA ASP A 348 -17.62 12.74 16.45
C ASP A 348 -16.83 12.41 17.72
N LYS A 349 -16.11 11.30 17.75
CA LYS A 349 -15.12 11.07 18.80
C LYS A 349 -13.80 11.75 18.53
N VAL A 350 -13.63 12.35 17.35
CA VAL A 350 -12.35 12.92 16.92
C VAL A 350 -12.63 14.33 16.42
N ALA A 351 -11.72 15.26 16.70
CA ALA A 351 -11.83 16.62 16.16
C ALA A 351 -11.07 16.68 14.83
N TYR A 352 -11.72 16.18 13.78
CA TYR A 352 -11.11 16.22 12.45
C TYR A 352 -10.91 17.63 11.94
N ASN A 353 -11.70 18.59 12.43
CA ASN A 353 -11.46 19.96 11.98
C ASN A 353 -10.11 20.48 12.44
N VAL A 354 -9.54 19.90 13.51
CA VAL A 354 -8.14 20.19 13.88
C VAL A 354 -7.17 19.26 13.15
N ALA A 355 -7.45 17.96 13.17
CA ALA A 355 -6.50 16.99 12.61
C ALA A 355 -6.29 17.23 11.12
N GLN A 356 -7.33 17.74 10.42
CA GLN A 356 -7.22 17.91 8.97
C GLN A 356 -6.04 18.78 8.59
N ASN A 357 -5.62 19.70 9.47
CA ASN A 357 -4.51 20.57 9.11
C ASN A 357 -3.20 19.80 9.04
N SER A 358 -3.14 18.62 9.64
CA SER A 358 -1.96 17.76 9.49
C SER A 358 -2.07 16.80 8.30
N MET A 359 -3.25 16.65 7.68
CA MET A 359 -3.52 15.53 6.79
C MET A 359 -3.69 16.00 5.35
N ASP A 360 -3.16 15.21 4.43
CA ASP A 360 -3.36 15.42 3.02
C ASP A 360 -4.70 14.90 2.56
N HIS A 361 -5.10 13.74 3.07
CA HIS A 361 -6.35 13.10 2.65
C HIS A 361 -6.96 12.33 3.79
N ILE A 362 -8.29 12.35 3.84
CA ILE A 362 -9.08 11.55 4.75
C ILE A 362 -9.80 10.51 3.89
N PHE A 363 -9.48 9.23 4.13
CA PHE A 363 -10.12 8.13 3.40
C PHE A 363 -11.32 7.71 4.21
N LEU A 364 -12.49 8.24 3.83
CA LEU A 364 -13.74 7.94 4.51
C LEU A 364 -14.24 6.54 4.17
N MET A 365 -14.27 5.65 5.16
CA MET A 365 -14.60 4.25 4.89
C MET A 365 -16.13 4.11 4.82
N SER A 366 -16.69 4.64 3.71
CA SER A 366 -18.13 4.61 3.48
C SER A 366 -18.51 3.27 2.83
N TYR A 367 -18.25 2.22 3.61
CA TYR A 367 -18.62 0.85 3.28
C TYR A 367 -18.69 0.07 4.60
N ASP A 368 -19.05 -1.21 4.52
CA ASP A 368 -19.26 -2.05 5.72
C ASP A 368 -20.36 -1.50 6.64
N PHE A 369 -21.29 -0.73 6.10
CA PHE A 369 -22.37 -0.17 6.92
C PHE A 369 -23.27 -1.27 7.47
N TYR A 370 -23.41 -2.35 6.74
CA TYR A 370 -24.23 -3.47 7.11
C TYR A 370 -23.47 -4.70 6.71
N GLY A 371 -23.80 -5.82 7.36
CA GLY A 371 -23.15 -7.06 7.02
C GLY A 371 -23.63 -8.20 7.91
N ALA A 372 -23.00 -9.35 7.73
CA ALA A 372 -23.50 -10.57 8.36
C ALA A 372 -23.20 -10.61 9.86
N ALA A 373 -22.50 -9.64 10.42
CA ALA A 373 -22.37 -9.58 11.88
C ALA A 373 -23.71 -9.32 12.53
N ASP A 374 -24.65 -8.69 11.81
CA ASP A 374 -26.01 -8.42 12.30
C ASP A 374 -26.98 -9.12 11.35
N LEU A 375 -27.66 -10.15 11.84
CA LEU A 375 -28.60 -10.93 11.03
C LEU A 375 -30.02 -10.39 11.08
N LYS A 376 -30.25 -9.37 11.92
CA LYS A 376 -31.58 -8.85 12.15
C LYS A 376 -31.82 -7.53 11.43
N ASN A 377 -30.83 -6.65 11.38
CA ASN A 377 -30.95 -5.36 10.72
C ASN A 377 -30.13 -5.42 9.42
N LEU A 378 -30.84 -5.58 8.31
CA LEU A 378 -30.25 -5.64 6.97
C LEU A 378 -30.34 -4.29 6.28
N GLY A 379 -29.37 -3.98 5.40
CA GLY A 379 -29.34 -2.69 4.71
C GLY A 379 -28.20 -2.67 3.71
N HIS A 380 -28.13 -1.59 2.97
CA HIS A 380 -27.09 -1.42 1.94
C HIS A 380 -25.75 -1.15 2.63
N GLN A 381 -24.71 -1.91 2.28
CA GLN A 381 -23.44 -1.75 3.00
C GLN A 381 -22.63 -0.54 2.57
N THR A 382 -22.93 0.09 1.42
CA THR A 382 -22.04 1.16 0.95
C THR A 382 -22.82 2.23 0.19
N ALA A 383 -24.10 2.40 0.52
CA ALA A 383 -24.98 3.30 -0.25
C ALA A 383 -24.60 4.75 -0.08
N LEU A 384 -24.93 5.53 -1.09
CA LEU A 384 -24.79 6.98 -0.95
C LEU A 384 -25.82 7.54 0.02
N ASN A 385 -27.08 7.09 -0.09
CA ASN A 385 -28.18 7.68 0.67
C ASN A 385 -28.96 6.59 1.37
N ALA A 386 -29.92 7.00 2.20
CA ALA A 386 -30.86 6.06 2.79
C ALA A 386 -31.81 5.51 1.73
N PRO A 387 -32.31 4.29 1.91
CA PRO A 387 -33.30 3.73 0.98
C PRO A 387 -34.68 4.28 1.31
N ALA A 388 -35.61 4.12 0.35
CA ALA A 388 -36.93 4.72 0.54
C ALA A 388 -37.70 4.02 1.65
N TRP A 389 -37.42 2.75 1.91
CA TRP A 389 -38.12 2.08 3.00
C TRP A 389 -37.61 2.40 4.39
N LYS A 390 -36.50 3.13 4.53
CA LYS A 390 -35.98 3.52 5.85
C LYS A 390 -35.19 4.81 5.72
N PRO A 391 -35.89 5.93 5.54
CA PRO A 391 -35.18 7.18 5.24
C PRO A 391 -34.34 7.71 6.40
N ASP A 392 -34.57 7.21 7.61
CA ASP A 392 -33.77 7.61 8.77
C ASP A 392 -32.55 6.73 8.98
N THR A 393 -32.22 5.86 8.02
CA THR A 393 -31.00 5.03 8.08
C THR A 393 -29.79 5.89 8.47
N ALA A 394 -29.09 5.49 9.54
CA ALA A 394 -27.97 6.29 10.03
C ALA A 394 -26.71 6.16 9.16
N TYR A 395 -26.37 4.94 8.76
CA TYR A 395 -25.05 4.66 8.17
C TYR A 395 -25.19 4.73 6.65
N THR A 396 -24.96 5.92 6.10
CA THR A 396 -24.89 6.16 4.66
C THR A 396 -23.64 6.96 4.39
N THR A 397 -23.21 7.02 3.12
CA THR A 397 -22.04 7.82 2.77
C THR A 397 -22.29 9.30 3.06
N VAL A 398 -23.47 9.81 2.66
N VAL A 398 -23.45 9.83 2.65
CA VAL A 398 -23.74 11.24 2.80
CA VAL A 398 -23.67 11.27 2.81
C VAL A 398 -23.72 11.65 4.28
C VAL A 398 -23.71 11.66 4.29
N ASN A 399 -24.22 10.77 5.15
CA ASN A 399 -24.24 11.08 6.59
C ASN A 399 -22.82 11.18 7.15
N GLY A 400 -21.89 10.31 6.70
CA GLY A 400 -20.51 10.42 7.12
C GLY A 400 -19.85 11.69 6.61
N VAL A 401 -20.03 11.98 5.32
CA VAL A 401 -19.50 13.23 4.76
C VAL A 401 -20.05 14.42 5.52
N ASN A 402 -21.37 14.43 5.78
CA ASN A 402 -21.98 15.58 6.41
C ASN A 402 -21.46 15.77 7.84
N ALA A 403 -21.21 14.66 8.55
CA ALA A 403 -20.63 14.75 9.90
C ALA A 403 -19.26 15.44 9.86
N LEU A 404 -18.39 15.10 8.89
CA LEU A 404 -17.11 15.77 8.76
C LEU A 404 -17.29 17.25 8.39
N LEU A 405 -18.13 17.53 7.40
CA LEU A 405 -18.35 18.92 7.03
C LEU A 405 -18.87 19.72 8.22
N ALA A 406 -19.77 19.13 9.02
CA ALA A 406 -20.35 19.83 10.16
C ALA A 406 -19.31 20.15 11.23
N GLN A 407 -18.25 19.34 11.35
CA GLN A 407 -17.17 19.71 12.25
C GLN A 407 -16.36 20.88 11.73
N GLY A 408 -16.43 21.17 10.45
CA GLY A 408 -15.57 22.14 9.84
C GLY A 408 -14.47 21.57 8.94
N VAL A 409 -14.51 20.27 8.62
CA VAL A 409 -13.52 19.70 7.69
C VAL A 409 -13.72 20.30 6.30
N LYS A 410 -12.64 20.71 5.67
CA LYS A 410 -12.74 21.20 4.31
C LYS A 410 -13.15 20.06 3.36
N PRO A 411 -14.11 20.28 2.48
CA PRO A 411 -14.58 19.15 1.62
C PRO A 411 -13.47 18.54 0.78
N GLY A 412 -12.49 19.34 0.33
CA GLY A 412 -11.40 18.85 -0.49
C GLY A 412 -10.52 17.81 0.19
N LYS A 413 -10.63 17.67 1.51
CA LYS A 413 -9.86 16.67 2.23
C LYS A 413 -10.46 15.30 2.15
N ILE A 414 -11.75 15.23 1.81
CA ILE A 414 -12.55 14.04 2.07
C ILE A 414 -12.55 13.16 0.83
N VAL A 415 -12.06 11.92 0.97
CA VAL A 415 -12.05 10.97 -0.15
C VAL A 415 -13.08 9.87 0.13
N VAL A 416 -14.06 9.75 -0.76
CA VAL A 416 -15.22 8.87 -0.53
C VAL A 416 -14.85 7.44 -0.90
N GLY A 417 -15.30 6.49 -0.08
CA GLY A 417 -15.00 5.10 -0.25
C GLY A 417 -16.01 4.31 -1.09
N THR A 418 -15.48 3.43 -1.93
N THR A 418 -15.47 3.40 -1.90
CA THR A 418 -16.25 2.44 -2.68
CA THR A 418 -16.17 2.45 -2.75
C THR A 418 -15.76 1.04 -2.31
C THR A 418 -15.73 1.02 -2.37
N ALA A 419 -16.65 0.07 -2.36
CA ALA A 419 -16.30 -1.31 -2.06
C ALA A 419 -16.17 -2.12 -3.35
N MET A 420 -15.06 -2.86 -3.47
CA MET A 420 -14.88 -3.80 -4.56
C MET A 420 -15.33 -5.20 -4.16
N TYR A 421 -16.24 -5.28 -3.17
CA TYR A 421 -16.76 -6.55 -2.68
C TYR A 421 -18.18 -6.30 -2.17
N GLY A 422 -18.93 -7.39 -2.07
CA GLY A 422 -20.25 -7.34 -1.46
C GLY A 422 -20.17 -7.97 -0.07
N ARG A 423 -21.11 -7.59 0.78
CA ARG A 423 -21.40 -8.33 2.00
C ARG A 423 -22.77 -8.93 1.83
N GLY A 424 -23.07 -9.99 2.57
CA GLY A 424 -24.42 -10.49 2.49
C GLY A 424 -24.74 -11.61 3.45
N TRP A 425 -25.94 -12.13 3.27
CA TRP A 425 -26.60 -13.02 4.22
C TRP A 425 -27.20 -14.20 3.47
N THR A 426 -27.47 -15.28 4.19
CA THR A 426 -28.26 -16.37 3.63
C THR A 426 -29.56 -16.51 4.41
N GLY A 427 -30.54 -17.19 3.82
CA GLY A 427 -31.77 -17.46 4.52
C GLY A 427 -32.62 -16.26 4.84
N VAL A 428 -32.48 -15.17 4.07
CA VAL A 428 -33.27 -13.98 4.32
C VAL A 428 -34.74 -14.32 4.10
N ASN A 429 -35.60 -13.83 5.00
CA ASN A 429 -36.97 -14.33 5.04
C ASN A 429 -37.83 -13.33 5.79
N GLY A 430 -39.13 -13.41 5.55
CA GLY A 430 -40.02 -12.55 6.33
C GLY A 430 -39.97 -11.09 5.94
N TYR A 431 -39.77 -10.81 4.66
CA TYR A 431 -39.66 -9.45 4.15
C TYR A 431 -40.95 -9.06 3.43
N GLN A 432 -41.17 -7.76 3.37
CA GLN A 432 -42.39 -7.17 2.85
C GLN A 432 -42.12 -6.49 1.51
N ASN A 433 -43.12 -6.58 0.61
CA ASN A 433 -43.20 -5.70 -0.55
C ASN A 433 -42.04 -5.89 -1.51
N ASN A 434 -41.56 -7.13 -1.58
CA ASN A 434 -40.46 -7.53 -2.46
C ASN A 434 -39.17 -6.79 -2.13
N ILE A 435 -39.00 -6.31 -0.88
CA ILE A 435 -37.75 -5.69 -0.45
C ILE A 435 -37.09 -6.62 0.57
N PRO A 436 -36.10 -7.42 0.15
CA PRO A 436 -35.49 -8.40 1.07
C PRO A 436 -34.86 -7.77 2.30
N PHE A 437 -34.41 -6.51 2.22
CA PHE A 437 -33.76 -5.84 3.34
C PHE A 437 -34.68 -5.66 4.53
N THR A 438 -36.00 -5.72 4.32
CA THR A 438 -36.93 -5.59 5.44
C THR A 438 -37.16 -6.91 6.19
N GLY A 439 -36.56 -8.01 5.76
CA GLY A 439 -36.64 -9.27 6.47
C GLY A 439 -35.52 -9.41 7.50
N THR A 440 -35.23 -10.67 7.86
CA THR A 440 -34.09 -11.02 8.69
C THR A 440 -33.45 -12.27 8.08
N ALA A 441 -32.21 -12.55 8.48
CA ALA A 441 -31.38 -13.58 7.91
C ALA A 441 -31.10 -14.66 8.93
N THR A 442 -30.63 -15.81 8.45
CA THR A 442 -30.23 -16.90 9.34
C THR A 442 -28.73 -17.09 9.42
N GLY A 443 -27.96 -16.35 8.62
CA GLY A 443 -26.54 -16.60 8.58
C GLY A 443 -25.89 -15.77 7.49
N PRO A 444 -24.57 -15.88 7.36
CA PRO A 444 -23.83 -15.13 6.33
C PRO A 444 -23.98 -15.80 4.98
N VAL A 445 -23.87 -14.98 3.93
CA VAL A 445 -23.74 -15.56 2.60
C VAL A 445 -22.41 -16.31 2.52
N LYS A 446 -22.40 -17.40 1.75
CA LYS A 446 -21.14 -18.06 1.47
C LYS A 446 -20.22 -17.08 0.73
N GLY A 447 -18.95 -16.99 1.18
CA GLY A 447 -18.04 -15.98 0.68
C GLY A 447 -17.04 -16.55 -0.31
N THR A 448 -16.36 -15.63 -1.02
CA THR A 448 -15.29 -16.05 -1.91
C THR A 448 -14.13 -16.64 -1.12
N TRP A 449 -13.70 -15.96 -0.06
CA TRP A 449 -12.57 -16.35 0.77
C TRP A 449 -12.95 -16.51 2.23
N GLU A 450 -13.98 -15.82 2.69
CA GLU A 450 -14.44 -15.94 4.05
C GLU A 450 -15.92 -15.61 4.08
N ASN A 451 -16.58 -16.14 5.10
CA ASN A 451 -18.02 -15.95 5.27
C ASN A 451 -18.45 -14.50 5.14
N GLY A 452 -19.53 -14.29 4.40
CA GLY A 452 -20.24 -13.03 4.42
C GLY A 452 -19.69 -11.97 3.51
N ILE A 453 -18.61 -12.26 2.75
CA ILE A 453 -17.93 -11.28 1.90
C ILE A 453 -17.71 -11.92 0.52
N VAL A 454 -18.03 -11.19 -0.54
CA VAL A 454 -17.95 -11.74 -1.90
C VAL A 454 -17.18 -10.75 -2.79
N ASP A 455 -16.10 -11.21 -3.43
CA ASP A 455 -15.41 -10.35 -4.38
C ASP A 455 -16.39 -9.82 -5.43
N TYR A 456 -16.24 -8.54 -5.80
CA TYR A 456 -17.10 -8.05 -6.87
C TYR A 456 -16.90 -8.88 -8.14
N ARG A 457 -15.67 -9.30 -8.41
CA ARG A 457 -15.41 -10.15 -9.57
C ARG A 457 -16.34 -11.37 -9.60
N GLN A 458 -16.58 -11.98 -8.43
CA GLN A 458 -17.49 -13.14 -8.31
C GLN A 458 -18.95 -12.74 -8.37
N ILE A 459 -19.33 -11.58 -7.82
CA ILE A 459 -20.71 -11.15 -8.01
C ILE A 459 -20.98 -11.01 -9.50
N ALA A 460 -20.09 -10.32 -10.21
CA ALA A 460 -20.31 -10.07 -11.63
C ALA A 460 -20.21 -11.38 -12.42
N GLY A 461 -19.31 -12.26 -12.03
CA GLY A 461 -19.08 -13.48 -12.77
C GLY A 461 -20.08 -14.59 -12.53
N GLN A 462 -20.67 -14.64 -11.35
CA GLN A 462 -21.52 -15.77 -11.00
C GLN A 462 -22.92 -15.37 -10.55
N PHE A 463 -23.10 -14.19 -9.95
CA PHE A 463 -24.36 -13.90 -9.28
C PHE A 463 -25.18 -12.87 -10.03
N MET A 464 -24.91 -12.70 -11.32
CA MET A 464 -25.78 -11.93 -12.20
C MET A 464 -26.30 -12.83 -13.32
N SER A 465 -26.71 -14.04 -12.97
CA SER A 465 -27.34 -14.92 -13.94
C SER A 465 -28.16 -15.95 -13.15
N GLY A 466 -28.85 -16.83 -13.87
CA GLY A 466 -29.64 -17.85 -13.18
C GLY A 466 -30.78 -17.26 -12.39
N GLU A 467 -30.97 -17.76 -11.18
CA GLU A 467 -32.09 -17.34 -10.35
C GLU A 467 -31.90 -15.96 -9.71
N TRP A 468 -30.73 -15.37 -9.81
CA TRP A 468 -30.44 -14.15 -9.05
C TRP A 468 -31.19 -12.94 -9.59
N GLN A 469 -31.98 -12.30 -8.74
CA GLN A 469 -32.56 -11.03 -9.13
C GLN A 469 -31.47 -9.96 -9.03
N TYR A 470 -31.59 -8.92 -9.84
CA TYR A 470 -30.69 -7.77 -9.74
C TYR A 470 -31.57 -6.55 -9.63
N THR A 471 -31.29 -5.70 -8.66
CA THR A 471 -32.03 -4.46 -8.50
C THR A 471 -31.06 -3.32 -8.25
N TYR A 472 -31.25 -2.20 -8.94
CA TYR A 472 -30.58 -0.97 -8.59
C TYR A 472 -31.56 -0.06 -7.86
N ASP A 473 -31.28 0.18 -6.59
CA ASP A 473 -32.04 1.14 -5.80
C ASP A 473 -31.52 2.55 -6.12
N ALA A 474 -32.34 3.35 -6.82
CA ALA A 474 -31.89 4.66 -7.27
C ALA A 474 -32.05 5.72 -6.17
N THR A 475 -32.83 5.43 -5.11
CA THR A 475 -32.91 6.36 -4.00
C THR A 475 -31.63 6.30 -3.17
N ALA A 476 -31.27 5.09 -2.72
CA ALA A 476 -29.99 4.89 -2.01
C ALA A 476 -28.78 5.05 -2.92
N GLU A 477 -28.91 4.74 -4.23
CA GLU A 477 -27.80 4.57 -5.17
C GLU A 477 -27.00 3.33 -4.77
N ALA A 478 -27.57 2.17 -4.98
CA ALA A 478 -27.05 0.93 -4.41
C ALA A 478 -27.62 -0.28 -5.13
N PRO A 479 -26.80 -1.15 -5.71
CA PRO A 479 -27.29 -2.39 -6.31
C PRO A 479 -27.35 -3.52 -5.31
N TYR A 480 -28.21 -4.49 -5.59
CA TYR A 480 -28.19 -5.72 -4.80
C TYR A 480 -28.70 -6.88 -5.61
N VAL A 481 -28.22 -8.07 -5.27
CA VAL A 481 -28.67 -9.28 -5.92
C VAL A 481 -29.28 -10.19 -4.86
N PHE A 482 -30.33 -10.92 -5.23
CA PHE A 482 -31.08 -11.69 -4.26
C PHE A 482 -31.49 -13.01 -4.90
N LYS A 483 -31.19 -14.13 -4.23
CA LYS A 483 -31.62 -15.45 -4.69
C LYS A 483 -32.79 -15.95 -3.83
N PRO A 484 -34.04 -15.90 -4.32
CA PRO A 484 -35.21 -16.16 -3.44
C PRO A 484 -35.25 -17.55 -2.83
N SER A 485 -34.78 -18.56 -3.55
CA SER A 485 -34.95 -19.93 -3.09
C SER A 485 -34.07 -20.26 -1.89
N THR A 486 -32.94 -19.60 -1.73
CA THR A 486 -32.07 -19.81 -0.57
C THR A 486 -32.04 -18.58 0.33
N GLY A 487 -32.67 -17.49 -0.08
CA GLY A 487 -32.60 -16.25 0.68
C GLY A 487 -31.23 -15.63 0.73
N ASP A 488 -30.36 -15.89 -0.25
CA ASP A 488 -29.07 -15.22 -0.32
C ASP A 488 -29.25 -13.78 -0.82
N LEU A 489 -28.78 -12.82 -0.04
CA LEU A 489 -28.83 -11.39 -0.35
C LEU A 489 -27.42 -10.80 -0.30
N ILE A 490 -27.00 -10.06 -1.34
CA ILE A 490 -25.65 -9.48 -1.39
C ILE A 490 -25.77 -8.01 -1.74
N THR A 491 -25.13 -7.15 -0.94
CA THR A 491 -25.10 -5.71 -1.14
C THR A 491 -23.68 -5.27 -1.47
N PHE A 492 -23.54 -4.44 -2.50
CA PHE A 492 -22.22 -4.18 -3.09
C PHE A 492 -22.28 -2.86 -3.86
N ASP A 493 -21.14 -2.43 -4.41
CA ASP A 493 -21.12 -1.30 -5.35
C ASP A 493 -21.04 -1.86 -6.77
N ASP A 494 -21.66 -1.14 -7.72
CA ASP A 494 -21.39 -1.49 -9.12
C ASP A 494 -21.03 -0.26 -9.93
N ALA A 495 -20.89 -0.39 -11.26
CA ALA A 495 -20.42 0.79 -12.00
C ALA A 495 -21.35 1.97 -11.81
N ARG A 496 -22.66 1.71 -11.69
CA ARG A 496 -23.59 2.82 -11.57
C ARG A 496 -23.52 3.48 -10.20
N SER A 497 -23.45 2.70 -9.11
CA SER A 497 -23.41 3.38 -7.81
C SER A 497 -22.08 4.11 -7.62
N VAL A 498 -20.99 3.59 -8.17
CA VAL A 498 -19.72 4.31 -8.15
C VAL A 498 -19.84 5.62 -8.94
N GLN A 499 -20.47 5.57 -10.10
N GLN A 499 -20.47 5.56 -10.10
CA GLN A 499 -20.73 6.79 -10.86
CA GLN A 499 -20.74 6.77 -10.87
C GLN A 499 -21.52 7.82 -10.04
C GLN A 499 -21.52 7.81 -10.05
N ALA A 500 -22.55 7.36 -9.30
CA ALA A 500 -23.27 8.30 -8.42
C ALA A 500 -22.32 8.91 -7.37
N LYS A 501 -21.39 8.08 -6.82
CA LYS A 501 -20.45 8.62 -5.84
C LYS A 501 -19.49 9.63 -6.47
N GLY A 502 -18.97 9.31 -7.66
CA GLY A 502 -18.08 10.24 -8.36
C GLY A 502 -18.75 11.57 -8.69
N LYS A 503 -19.96 11.52 -9.24
CA LYS A 503 -20.71 12.76 -9.50
C LYS A 503 -20.92 13.55 -8.20
N TYR A 504 -21.23 12.86 -7.12
CA TYR A 504 -21.41 13.49 -5.83
C TYR A 504 -20.13 14.15 -5.35
N VAL A 505 -18.99 13.46 -5.46
CA VAL A 505 -17.69 14.06 -5.15
C VAL A 505 -17.48 15.35 -5.95
N LEU A 506 -17.73 15.29 -7.25
CA LEU A 506 -17.51 16.49 -8.06
C LEU A 506 -18.50 17.61 -7.68
N ASP A 507 -19.77 17.24 -7.44
N ASP A 507 -19.75 17.24 -7.40
CA ASP A 507 -20.77 18.24 -7.07
CA ASP A 507 -20.78 18.24 -7.08
C ASP A 507 -20.42 18.91 -5.76
C ASP A 507 -20.51 18.89 -5.73
N LYS A 508 -20.02 18.12 -4.75
CA LYS A 508 -19.71 18.66 -3.42
C LYS A 508 -18.25 19.08 -3.26
N GLN A 509 -17.47 19.04 -4.33
CA GLN A 509 -16.06 19.46 -4.31
C GLN A 509 -15.25 18.68 -3.26
N LEU A 510 -15.54 17.39 -3.17
CA LEU A 510 -14.75 16.50 -2.32
C LEU A 510 -13.45 16.15 -3.01
N GLY A 511 -12.63 15.31 -2.34
CA GLY A 511 -11.28 15.10 -2.82
C GLY A 511 -11.09 13.99 -3.86
N GLY A 512 -12.02 13.03 -3.93
CA GLY A 512 -11.91 11.91 -4.87
C GLY A 512 -12.57 10.66 -4.30
N LEU A 513 -12.15 9.52 -4.84
CA LEU A 513 -12.69 8.22 -4.47
C LEU A 513 -11.53 7.29 -4.12
N PHE A 514 -11.78 6.35 -3.22
CA PHE A 514 -10.82 5.27 -3.02
C PHE A 514 -11.58 3.97 -2.81
N SER A 515 -10.86 2.84 -2.88
CA SER A 515 -11.49 1.54 -2.80
C SER A 515 -10.67 0.59 -1.95
N ALA A 516 -11.37 -0.44 -1.48
CA ALA A 516 -10.81 -1.62 -0.83
C ALA A 516 -11.55 -2.84 -1.37
N MET A 517 -10.82 -3.92 -1.70
CA MET A 517 -9.39 -3.99 -1.94
C MET A 517 -9.23 -4.22 -3.46
N ILE A 518 -8.08 -3.84 -4.01
CA ILE A 518 -7.91 -3.81 -5.46
C ILE A 518 -7.98 -5.22 -6.06
N ASP A 519 -7.59 -6.25 -5.31
CA ASP A 519 -7.59 -7.61 -5.88
C ASP A 519 -8.98 -8.07 -6.27
N ALA A 520 -10.02 -7.55 -5.63
CA ALA A 520 -11.37 -8.09 -5.79
C ALA A 520 -12.15 -7.50 -6.99
N ASP A 521 -11.63 -6.44 -7.63
CA ASP A 521 -12.30 -5.83 -8.79
C ASP A 521 -12.01 -6.64 -10.06
N ASN A 522 -12.94 -6.65 -11.01
CA ASN A 522 -12.61 -7.14 -12.36
C ASN A 522 -12.25 -6.01 -13.30
N GLY A 523 -12.25 -4.77 -12.81
CA GLY A 523 -11.98 -3.58 -13.59
C GLY A 523 -13.18 -2.64 -13.68
N ASP A 524 -14.40 -3.16 -13.53
CA ASP A 524 -15.59 -2.32 -13.66
C ASP A 524 -15.59 -1.21 -12.62
N ILE A 525 -15.22 -1.53 -11.35
CA ILE A 525 -15.30 -0.54 -10.29
C ILE A 525 -14.26 0.56 -10.50
N LEU A 526 -12.99 0.19 -10.73
CA LEU A 526 -11.98 1.22 -10.92
C LEU A 526 -12.20 2.02 -12.21
N ASN A 527 -12.72 1.37 -13.28
CA ASN A 527 -13.08 2.10 -14.50
C ASN A 527 -14.07 3.19 -14.17
N SER A 528 -15.11 2.84 -13.41
CA SER A 528 -16.15 3.82 -13.07
C SER A 528 -15.62 4.89 -12.12
N MET A 529 -14.74 4.53 -11.20
CA MET A 529 -14.14 5.54 -10.34
C MET A 529 -13.48 6.62 -11.19
N ASN A 530 -12.69 6.18 -12.16
CA ASN A 530 -11.94 7.08 -13.03
C ASN A 530 -12.89 7.90 -13.93
N ALA A 531 -13.83 7.23 -14.60
CA ALA A 531 -14.75 7.92 -15.50
C ALA A 531 -15.61 8.93 -14.76
N SER A 532 -16.16 8.55 -13.61
CA SER A 532 -17.08 9.43 -12.89
C SER A 532 -16.38 10.65 -12.30
N LEU A 533 -15.08 10.61 -12.08
CA LEU A 533 -14.39 11.77 -11.55
C LEU A 533 -13.91 12.66 -12.68
N GLY A 534 -14.13 12.28 -13.91
CA GLY A 534 -13.78 13.10 -15.06
C GLY A 534 -12.41 12.83 -15.64
N ASN A 535 -11.74 11.72 -15.29
CA ASN A 535 -10.48 11.41 -15.94
C ASN A 535 -10.75 11.02 -17.39
N SER A 536 -9.90 11.48 -18.30
CA SER A 536 -10.06 11.14 -19.72
C SER A 536 -9.60 9.72 -19.99
N ALA A 537 -10.30 9.07 -20.92
CA ALA A 537 -9.84 7.81 -21.45
C ALA A 537 -8.48 7.99 -22.10
N GLY A 538 -7.65 6.94 -22.04
CA GLY A 538 -6.41 6.86 -22.81
C GLY A 538 -5.20 6.83 -21.91
N VAL A 539 -4.03 7.04 -22.52
CA VAL A 539 -2.78 7.07 -21.77
C VAL A 539 -2.17 8.46 -21.84
N GLN A 540 -1.41 8.82 -20.79
CA GLN A 540 -0.73 10.12 -20.72
C GLN A 540 0.63 10.13 -21.43
C1 NAG B . -6.16 -11.87 6.91
C1 NAG B . -8.11 -8.89 7.90
C2 NAG B . -4.77 -12.15 7.49
C2 NAG B . -6.75 -9.26 8.51
C3 NAG B . -4.00 -13.06 6.54
C3 NAG B . -5.98 -10.32 7.67
C4 NAG B . -4.84 -14.24 6.00
C4 NAG B . -6.82 -11.54 7.32
C5 NAG B . -6.25 -13.78 5.60
C5 NAG B . -8.14 -11.08 6.65
C6 NAG B . -7.20 -14.87 5.11
C6 NAG B . -9.33 -12.02 6.90
C7 NAG B . -3.94 -10.04 8.62
C7 NAG B . -5.90 -6.73 8.85
C8 NAG B . -5.15 -9.19 8.76
C8 NAG B . -6.89 -5.95 8.08
N2 NAG B . -3.88 -10.98 7.67
N2 NAG B . -5.86 -8.11 8.85
O1 NAG B . -7.00 -11.14 7.79
O1 NAG B . -9.17 -8.84 8.89
O3 NAG B . -2.78 -13.44 7.20
O3 NAG B . -4.75 -10.75 8.31
O4 NAG B . -4.26 -14.66 4.77
O4 NAG B . -6.22 -12.36 6.27
O5 NAG B . -6.87 -13.09 6.65
O5 NAG B . -8.58 -9.72 6.83
O6 NAG B . -8.05 -14.34 4.05
O6 NAG B . -9.89 -11.89 8.19
O7 NAG B . -3.03 -9.85 9.38
O7 NAG B . -5.05 -6.08 9.47
C1 NAG B . -3.27 -15.71 4.92
C1 NAG B . -5.27 -13.42 6.55
C2 NAG B . -3.11 -16.56 3.65
C2 NAG B . -5.17 -14.29 5.29
C3 NAG B . -2.21 -17.73 4.00
C3 NAG B . -4.05 -15.33 5.25
C4 NAG B . -0.87 -17.15 4.46
C4 NAG B . -2.69 -14.78 5.67
C5 NAG B . -1.06 -16.14 5.61
C5 NAG B . -2.97 -14.04 6.98
C6 NAG B . 0.25 -15.45 5.94
C6 NAG B . -1.80 -13.30 7.59
C7 NAG B . -4.84 -16.74 1.94
C7 NAG B . -6.93 -15.05 3.85
C8 NAG B . -5.79 -15.59 2.08
C8 NAG B . -7.89 -13.94 3.64
N2 NAG B . -4.30 -17.18 3.09
N2 NAG B . -6.39 -15.03 5.07
O3 NAG B . -2.08 -18.57 2.85
O3 NAG B . -4.01 -15.82 3.91
O4 NAG B . 0.02 -18.17 4.88
O4 NAG B . -1.72 -15.85 5.85
O5 NAG B . -2.00 -15.13 5.25
O5 NAG B . -3.95 -12.98 6.86
O6 NAG B . 0.04 -14.36 6.85
O6 NAG B . -2.41 -12.54 8.64
O7 NAG B . -4.58 -17.22 0.84
O7 NAG B . -6.68 -15.87 2.98
C1 NAG B . 0.94 -18.43 3.84
C1 NAG B . -1.27 -16.60 4.65
C2 NAG B . 2.34 -18.72 4.43
C2 NAG B . -0.04 -17.44 5.04
C3 NAG B . 3.25 -19.05 3.26
C3 NAG B . 0.54 -18.20 3.85
C4 NAG B . 2.72 -20.33 2.64
C4 NAG B . -0.53 -19.17 3.40
C5 NAG B . 1.31 -20.05 2.10
C5 NAG B . -1.79 -18.40 3.02
C6 NAG B . 0.65 -21.26 1.46
C6 NAG B . -2.82 -19.48 2.72
C7 NAG B . 2.60 -17.59 6.58
C7 NAG B . 1.71 -17.22 6.63
C8 NAG B . 3.37 -16.60 7.40
C8 NAG B . 3.14 -16.76 6.66
N2 NAG B . 2.85 -17.63 5.27
N2 NAG B . 0.97 -16.64 5.69
O3 NAG B . 4.65 -19.12 3.63
O3 NAG B . 1.69 -18.97 4.24
O4 NAG B . 3.58 -20.79 1.59
O4 NAG B . -0.09 -19.96 2.29
O5 NAG B . 0.45 -19.57 3.14
O5 NAG B . -2.23 -17.51 4.07
O6 NAG B . -0.74 -20.97 1.25
O6 NAG B . -2.52 -20.10 1.44
O7 NAG B . 1.76 -18.32 7.11
O7 NAG B . 1.27 -18.06 7.40
C1 GOL C . -8.24 -12.64 -11.48
O1 GOL C . -8.64 -13.99 -11.81
C2 GOL C . -6.80 -12.52 -10.95
O2 GOL C . -5.86 -13.22 -11.78
C3 GOL C . -6.64 -13.19 -9.61
O3 GOL C . -5.27 -12.95 -9.26
C1 GOL D . 21.80 -8.59 -1.06
C1 GOL D . 23.59 -8.03 -2.29
O1 GOL D . 21.93 -7.94 0.23
O1 GOL D . 24.24 -7.29 -1.23
C2 GOL D . 20.85 -9.81 -1.06
C2 GOL D . 22.21 -8.50 -1.85
O2 GOL D . 21.16 -10.74 -0.03
O2 GOL D . 22.26 -9.01 -0.51
C3 GOL D . 20.86 -10.57 -2.40
C3 GOL D . 21.67 -9.63 -2.74
O3 GOL D . 21.81 -11.63 -2.43
O3 GOL D . 22.72 -10.27 -3.46
C1 GOL E . -5.60 14.96 -5.54
O1 GOL E . -5.25 15.71 -4.36
C2 GOL E . -4.37 14.58 -6.39
O2 GOL E . -3.68 13.48 -5.80
C3 GOL E . -4.84 14.16 -7.78
O3 GOL E . -3.81 14.30 -8.77
#